data_7B8M
#
_entry.id   7B8M
#
_cell.length_a   60.024
_cell.length_b   73.522
_cell.length_c   78.832
_cell.angle_alpha   90.000
_cell.angle_beta   90.000
_cell.angle_gamma   90.000
#
_symmetry.space_group_name_H-M   'P 21 21 21'
#
loop_
_entity.id
_entity.type
_entity.pdbx_description
1 polymer 'Palmitoleoyl-protein carboxylesterase NOTUM'
2 non-polymer 'SULFATE ION'
3 non-polymer 2-acetamido-2-deoxy-beta-D-glucopyranose
4 non-polymer 1,2-ETHANEDIOL
5 non-polymer 5-methoxy-2-(1~{H}-pyrazol-3-yl)phenol
6 water water
#
_entity_poly.entity_id   1
_entity_poly.type   'polypeptide(L)'
_entity_poly.pdbx_seq_one_letter_code
;ETGSAQQLNEDLRLHLLLNTSVTCNDGSPAGYYLKESRGSRRWLLFLEGGWYCFNRENCDSRYDTMRRLMSSRDWPRTRT
GTGILSSQPEENPYWWNANMVFIPYCSSDVWSGASSKSEKNEYAFMGALIIQEVVRELLGRGLSGAKVLLLAGSSAGGTG
VLLNVDRVAEQLEKLGYPAIQVRGLADSGWFLDNKQYRHTDCVDTITCAPTEAIRRGIRYWNGVVPERCRRQFQEGEEWN
CFFGYKVYPTLRSPVFVVQWLFDEAQLTVDNVHLTGQPVQEGLRLYIQNLGRELRHTLKDVPASFAPACLSHEIIIRSHW
TDVQVKGTSLPRALHCWDRSLHDSHKASKTPLKGCPVHLVDSCPWPHCNPSCPTGTKHHHHHH
;
_entity_poly.pdbx_strand_id   A
#
loop_
_chem_comp.id
_chem_comp.type
_chem_comp.name
_chem_comp.formula
EDO non-polymer 1,2-ETHANEDIOL 'C2 H6 O2'
GQM non-polymer 5-methoxy-2-(1~{H}-pyrazol-3-yl)phenol 'C10 H10 N2 O2'
NAG D-saccharide, beta linking 2-acetamido-2-deoxy-beta-D-glucopyranose 'C8 H15 N O6'
SO4 non-polymer 'SULFATE ION' 'O4 S -2'
#
# COMPACT_ATOMS: atom_id res chain seq x y z
N ASP A 11 19.58 -5.06 -9.39
CA ASP A 11 19.30 -3.66 -9.07
C ASP A 11 18.24 -3.08 -10.01
N LEU A 12 17.40 -2.19 -9.47
CA LEU A 12 16.38 -1.50 -10.23
C LEU A 12 16.89 -0.09 -10.54
N ARG A 13 16.68 0.37 -11.77
CA ARG A 13 17.29 1.60 -12.27
C ARG A 13 16.27 2.73 -12.31
N LEU A 14 16.71 3.94 -11.95
CA LEU A 14 15.81 5.10 -11.87
C LEU A 14 15.47 5.69 -13.25
N HIS A 15 14.19 6.01 -13.44
CA HIS A 15 13.70 6.77 -14.58
C HIS A 15 12.81 7.90 -14.05
N LEU A 16 13.19 9.15 -14.34
CA LEU A 16 12.33 10.26 -14.00
C LEU A 16 11.24 10.40 -15.05
N LEU A 17 10.05 10.82 -14.60
CA LEU A 17 8.91 10.87 -15.52
C LEU A 17 9.18 11.82 -16.69
N LEU A 18 8.81 11.37 -17.88
CA LEU A 18 8.98 12.20 -19.07
C LEU A 18 8.03 13.38 -19.07
N ASN A 19 6.84 13.22 -18.47
CA ASN A 19 5.93 14.34 -18.28
C ASN A 19 6.36 15.05 -16.99
N THR A 20 7.16 16.11 -17.13
CA THR A 20 7.73 16.78 -15.97
C THR A 20 6.72 17.65 -15.22
N SER A 21 5.47 17.71 -15.66
CA SER A 21 4.40 18.36 -14.91
CA SER A 21 4.41 18.36 -14.90
C SER A 21 3.79 17.45 -13.83
N VAL A 22 4.20 16.19 -13.76
CA VAL A 22 3.77 15.28 -12.72
C VAL A 22 4.91 15.23 -11.71
N THR A 23 4.71 15.85 -10.54
CA THR A 23 5.84 16.23 -9.69
C THR A 23 5.69 15.73 -8.25
N CYS A 24 6.84 15.61 -7.59
CA CYS A 24 6.90 15.50 -6.14
C CYS A 24 6.43 16.82 -5.50
N ASN A 25 6.39 16.83 -4.15
CA ASN A 25 5.86 17.97 -3.40
C ASN A 25 6.51 19.29 -3.82
N ASP A 26 7.82 19.29 -4.03
CA ASP A 26 8.55 20.54 -4.29
C ASP A 26 8.66 20.91 -5.77
N GLY A 27 7.96 20.23 -6.67
CA GLY A 27 8.00 20.51 -8.09
C GLY A 27 9.04 19.76 -8.89
N SER A 28 9.92 19.00 -8.25
CA SER A 28 10.85 18.15 -8.97
C SER A 28 10.09 16.97 -9.60
N PRO A 29 10.61 16.39 -10.69
CA PRO A 29 9.89 15.28 -11.33
C PRO A 29 9.77 14.07 -10.41
N ALA A 30 8.59 13.43 -10.45
CA ALA A 30 8.46 12.10 -9.85
C ALA A 30 9.14 11.06 -10.75
N GLY A 31 9.11 9.78 -10.34
CA GLY A 31 9.74 8.76 -11.14
C GLY A 31 9.43 7.35 -10.66
N TYR A 32 10.21 6.39 -11.16
CA TYR A 32 10.08 4.99 -10.78
C TYR A 32 11.43 4.29 -11.01
N TYR A 33 11.65 3.18 -10.27
CA TYR A 33 12.82 2.32 -10.47
C TYR A 33 12.34 1.02 -11.12
N LEU A 34 13.08 0.56 -12.14
CA LEU A 34 12.62 -0.55 -12.99
C LEU A 34 13.72 -1.58 -13.20
N LYS A 35 13.36 -2.87 -13.11
CA LYS A 35 14.21 -3.96 -13.61
C LYS A 35 13.34 -4.87 -14.45
N GLU A 36 13.60 -4.92 -15.76
CA GLU A 36 12.75 -5.70 -16.67
C GLU A 36 13.15 -7.17 -16.63
N SER A 37 12.17 -8.04 -16.88
CA SER A 37 12.39 -9.48 -17.04
C SER A 37 11.69 -9.88 -18.33
N ARG A 38 12.43 -9.93 -19.43
CA ARG A 38 11.80 -10.09 -20.75
C ARG A 38 11.17 -11.46 -20.95
N GLY A 39 11.50 -12.45 -20.14
CA GLY A 39 10.79 -13.72 -20.25
C GLY A 39 9.51 -13.82 -19.44
N SER A 40 8.98 -12.71 -18.90
CA SER A 40 7.82 -12.76 -18.02
C SER A 40 6.76 -11.76 -18.45
N ARG A 41 5.49 -12.15 -18.31
CA ARG A 41 4.37 -11.27 -18.55
C ARG A 41 3.72 -10.78 -17.25
N ARG A 42 4.42 -10.91 -16.13
CA ARG A 42 3.94 -10.47 -14.83
C ARG A 42 4.65 -9.16 -14.47
N TRP A 43 3.88 -8.20 -13.96
CA TRP A 43 4.43 -6.88 -13.61
C TRP A 43 4.01 -6.51 -12.18
N LEU A 44 4.99 -6.17 -11.34
CA LEU A 44 4.73 -5.83 -9.95
C LEU A 44 5.13 -4.37 -9.73
N LEU A 45 4.15 -3.53 -9.36
CA LEU A 45 4.36 -2.10 -9.15
C LEU A 45 4.13 -1.83 -7.67
N PHE A 46 5.18 -1.48 -6.94
CA PHE A 46 5.15 -1.35 -5.48
C PHE A 46 5.15 0.12 -5.07
N LEU A 47 4.20 0.51 -4.20
CA LEU A 47 4.07 1.87 -3.68
C LEU A 47 4.73 1.97 -2.29
N GLU A 48 5.79 2.78 -2.19
CA GLU A 48 6.43 3.04 -0.90
C GLU A 48 5.49 3.78 0.05
N GLY A 49 5.70 3.59 1.37
CA GLY A 49 5.00 4.29 2.41
C GLY A 49 5.84 5.36 3.10
N GLY A 50 5.28 5.94 4.19
CA GLY A 50 5.98 6.97 4.94
C GLY A 50 5.16 8.13 5.50
N TRP A 51 4.06 7.83 6.20
CA TRP A 51 3.19 8.83 6.85
C TRP A 51 2.68 9.83 5.80
N TYR A 52 2.51 11.10 6.18
CA TYR A 52 1.94 12.12 5.31
C TYR A 52 2.08 13.47 6.01
N CYS A 53 1.74 14.56 5.30
CA CYS A 53 1.65 15.85 5.97
C CYS A 53 0.36 16.56 5.55
N PHE A 54 -0.17 17.45 6.41
CA PHE A 54 -1.53 17.93 6.20
C PHE A 54 -1.76 19.43 6.29
N ASN A 55 -0.72 20.25 6.52
CA ASN A 55 -0.85 21.69 6.43
C ASN A 55 0.53 22.27 6.11
N ARG A 56 0.60 23.61 5.94
CA ARG A 56 1.85 24.23 5.52
C ARG A 56 2.94 23.99 6.56
N GLU A 57 2.62 24.18 7.84
CA GLU A 57 3.62 24.11 8.89
C GLU A 57 4.18 22.69 9.08
N ASN A 58 3.33 21.67 9.06
CA ASN A 58 3.93 20.33 9.19
C ASN A 58 4.56 19.80 7.92
N CYS A 59 4.12 20.27 6.73
CA CYS A 59 4.85 19.92 5.51
C CYS A 59 6.23 20.58 5.46
N ASP A 60 6.34 21.82 5.96
CA ASP A 60 7.64 22.49 6.05
C ASP A 60 8.62 21.71 6.95
N SER A 61 8.14 21.21 8.09
N SER A 61 8.15 21.20 8.09
CA SER A 61 8.97 20.39 8.96
CA SER A 61 9.02 20.40 8.94
C SER A 61 9.45 19.12 8.25
C SER A 61 9.46 19.12 8.24
N ARG A 62 8.52 18.44 7.57
CA ARG A 62 8.88 17.25 6.80
C ARG A 62 9.92 17.55 5.72
N TYR A 63 9.85 18.75 5.12
CA TYR A 63 10.82 19.11 4.09
C TYR A 63 12.23 19.28 4.65
N ASP A 64 12.33 19.59 5.94
CA ASP A 64 13.64 19.81 6.56
C ASP A 64 14.36 18.51 6.86
N THR A 65 13.62 17.46 7.28
CA THR A 65 14.27 16.27 7.79
C THR A 65 13.77 14.97 7.17
N MET A 66 12.86 15.03 6.19
CA MET A 66 12.38 13.88 5.44
C MET A 66 12.24 14.25 3.96
N ARG A 67 13.28 14.91 3.44
CA ARG A 67 13.16 15.54 2.12
C ARG A 67 13.10 14.53 0.97
N ARG A 68 13.69 13.33 1.12
CA ARG A 68 13.58 12.33 0.07
C ARG A 68 12.13 11.88 -0.14
N LEU A 69 11.28 12.05 0.86
CA LEU A 69 9.84 11.81 0.75
C LEU A 69 9.07 13.02 0.19
N MET A 70 9.76 14.07 -0.26
CA MET A 70 9.12 15.26 -0.83
C MET A 70 9.76 15.80 -2.09
N SER A 71 10.77 15.11 -2.65
CA SER A 71 11.65 15.65 -3.69
C SER A 71 12.47 14.51 -4.29
N SER A 72 12.74 14.59 -5.60
CA SER A 72 13.62 13.63 -6.27
C SER A 72 15.06 14.14 -6.43
N ARG A 73 15.36 15.34 -5.94
CA ARG A 73 16.64 15.97 -6.24
C ARG A 73 17.83 15.15 -5.72
N ASP A 74 17.63 14.35 -4.66
CA ASP A 74 18.71 13.57 -4.05
C ASP A 74 18.55 12.06 -4.23
N TRP A 75 17.69 11.60 -5.13
CA TRP A 75 17.47 10.16 -5.27
C TRP A 75 18.69 9.50 -5.93
N PRO A 76 19.03 8.28 -5.53
CA PRO A 76 20.15 7.57 -6.16
C PRO A 76 19.75 6.92 -7.47
N ARG A 77 20.78 6.55 -8.26
CA ARG A 77 20.55 6.00 -9.60
C ARG A 77 19.91 4.62 -9.55
N THR A 78 20.16 3.85 -8.49
CA THR A 78 19.67 2.47 -8.40
C THR A 78 19.13 2.20 -6.99
N ARG A 79 18.36 1.12 -6.87
CA ARG A 79 17.88 0.59 -5.60
C ARG A 79 17.92 -0.93 -5.69
N THR A 80 18.21 -1.58 -4.56
CA THR A 80 18.23 -3.04 -4.51
C THR A 80 16.80 -3.54 -4.28
N GLY A 81 16.38 -4.54 -5.08
CA GLY A 81 15.07 -5.16 -4.87
C GLY A 81 15.15 -6.21 -3.78
N THR A 82 14.26 -6.09 -2.78
CA THR A 82 14.24 -6.96 -1.62
C THR A 82 12.85 -7.54 -1.41
N GLY A 83 12.81 -8.71 -0.76
CA GLY A 83 11.51 -9.34 -0.49
C GLY A 83 10.80 -9.72 -1.77
N ILE A 84 9.53 -9.29 -1.88
CA ILE A 84 8.72 -9.53 -3.09
C ILE A 84 9.31 -8.85 -4.32
N LEU A 85 10.19 -7.85 -4.14
CA LEU A 85 10.88 -7.21 -5.26
C LEU A 85 12.21 -7.87 -5.61
N SER A 86 12.60 -8.94 -4.91
CA SER A 86 13.85 -9.64 -5.21
C SER A 86 13.67 -10.60 -6.40
N SER A 87 14.73 -10.72 -7.20
CA SER A 87 14.78 -11.60 -8.37
C SER A 87 15.39 -12.97 -8.06
N GLN A 88 15.68 -13.27 -6.79
CA GLN A 88 16.34 -14.49 -6.36
C GLN A 88 15.28 -15.46 -5.84
N PRO A 89 15.15 -16.67 -6.40
CA PRO A 89 14.08 -17.58 -5.94
C PRO A 89 14.11 -17.88 -4.44
N GLU A 90 15.31 -17.97 -3.87
CA GLU A 90 15.44 -18.24 -2.43
C GLU A 90 14.84 -17.14 -1.58
N GLU A 91 14.98 -15.88 -2.01
CA GLU A 91 14.40 -14.76 -1.28
C GLU A 91 12.93 -14.51 -1.65
N ASN A 92 12.54 -14.84 -2.88
CA ASN A 92 11.20 -14.51 -3.40
C ASN A 92 10.62 -15.75 -4.07
N PRO A 93 10.08 -16.69 -3.29
CA PRO A 93 9.47 -17.88 -3.90
C PRO A 93 8.25 -17.57 -4.73
N TYR A 94 7.62 -16.41 -4.53
CA TYR A 94 6.36 -16.10 -5.20
C TYR A 94 6.57 -15.62 -6.65
N TRP A 95 7.23 -14.48 -6.84
CA TRP A 95 7.29 -13.82 -8.15
C TRP A 95 8.71 -13.42 -8.56
N TRP A 96 9.71 -14.27 -8.30
CA TRP A 96 11.11 -13.92 -8.57
C TRP A 96 11.40 -13.59 -10.03
N ASN A 97 10.61 -14.09 -10.99
CA ASN A 97 10.90 -13.82 -12.41
C ASN A 97 10.11 -12.63 -12.97
N ALA A 98 9.35 -11.90 -12.15
CA ALA A 98 8.51 -10.82 -12.68
C ALA A 98 9.32 -9.57 -13.02
N ASN A 99 8.70 -8.70 -13.83
CA ASN A 99 9.20 -7.34 -14.03
C ASN A 99 8.95 -6.53 -12.76
N MET A 100 9.98 -5.86 -12.24
CA MET A 100 9.93 -5.22 -10.93
C MET A 100 9.94 -3.70 -11.01
N VAL A 101 9.00 -3.04 -10.33
CA VAL A 101 8.93 -1.58 -10.29
C VAL A 101 8.74 -1.11 -8.85
N PHE A 102 9.61 -0.19 -8.41
CA PHE A 102 9.51 0.50 -7.12
C PHE A 102 9.17 1.95 -7.41
N ILE A 103 8.03 2.43 -6.91
CA ILE A 103 7.59 3.81 -7.13
C ILE A 103 7.81 4.58 -5.83
N PRO A 104 8.77 5.50 -5.78
CA PRO A 104 9.00 6.26 -4.54
C PRO A 104 7.82 7.17 -4.19
N TYR A 105 7.60 7.30 -2.87
CA TYR A 105 6.53 8.11 -2.30
C TYR A 105 7.11 9.51 -2.08
N CYS A 106 6.77 10.48 -2.94
CA CYS A 106 7.24 11.84 -2.74
C CYS A 106 6.11 12.86 -2.76
N SER A 107 4.87 12.44 -2.47
CA SER A 107 3.70 13.31 -2.52
C SER A 107 3.01 13.53 -1.18
N SER A 108 3.37 12.78 -0.13
CA SER A 108 2.95 13.08 1.25
C SER A 108 1.42 13.10 1.44
N ASP A 109 0.68 12.35 0.61
CA ASP A 109 -0.77 12.48 0.48
C ASP A 109 -1.50 11.12 0.50
N VAL A 110 -0.84 10.09 1.01
CA VAL A 110 -1.32 8.70 1.05
C VAL A 110 -1.71 8.29 -0.38
N TRP A 111 -1.02 8.82 -1.39
CA TRP A 111 -1.23 8.47 -2.80
C TRP A 111 -2.59 8.93 -3.35
N SER A 112 -3.20 9.97 -2.75
CA SER A 112 -4.55 10.38 -3.10
C SER A 112 -4.64 11.70 -3.86
N GLY A 113 -3.55 12.45 -3.96
CA GLY A 113 -3.65 13.85 -4.36
C GLY A 113 -3.75 14.04 -5.85
N ALA A 114 -4.39 15.16 -6.22
CA ALA A 114 -4.46 15.61 -7.61
C ALA A 114 -4.43 17.15 -7.65
N SER A 115 -3.34 17.73 -7.14
N SER A 115 -3.38 17.76 -7.10
CA SER A 115 -3.20 19.19 -7.06
CA SER A 115 -3.25 19.22 -7.13
C SER A 115 -1.78 19.59 -7.42
C SER A 115 -1.81 19.62 -7.40
N SER A 116 -1.63 20.57 -8.32
CA SER A 116 -0.33 21.07 -8.73
C SER A 116 0.11 22.27 -7.90
N LYS A 117 1.42 22.48 -7.80
CA LYS A 117 1.93 23.72 -7.26
C LYS A 117 1.48 24.89 -8.13
N SER A 118 1.24 26.04 -7.52
CA SER A 118 0.72 27.23 -8.19
C SER A 118 0.98 28.43 -7.30
N GLU A 119 0.48 29.61 -7.71
CA GLU A 119 0.76 30.78 -6.87
C GLU A 119 0.02 30.72 -5.55
N LYS A 120 -1.00 29.86 -5.44
CA LYS A 120 -1.75 29.69 -4.20
C LYS A 120 -1.41 28.41 -3.46
N ASN A 121 -0.57 27.53 -4.04
CA ASN A 121 -0.20 26.25 -3.44
C ASN A 121 1.31 26.16 -3.34
N GLU A 122 1.84 26.17 -2.11
CA GLU A 122 3.29 26.03 -1.92
C GLU A 122 3.81 24.67 -2.37
N TYR A 123 3.02 23.61 -2.18
CA TYR A 123 3.43 22.25 -2.54
C TYR A 123 2.43 21.65 -3.51
N ALA A 124 2.93 20.67 -4.30
CA ALA A 124 2.10 19.83 -5.17
C ALA A 124 1.80 18.52 -4.46
N PHE A 125 0.55 18.06 -4.54
CA PHE A 125 0.15 16.77 -4.00
C PHE A 125 -0.45 15.95 -5.15
N MET A 126 0.36 15.09 -5.76
CA MET A 126 -0.02 14.49 -7.04
C MET A 126 0.04 12.97 -7.03
N GLY A 127 -0.07 12.32 -5.86
CA GLY A 127 0.12 10.86 -5.79
C GLY A 127 -0.76 10.06 -6.74
N ALA A 128 -2.04 10.41 -6.85
CA ALA A 128 -2.93 9.65 -7.72
C ALA A 128 -2.52 9.80 -9.19
N LEU A 129 -2.05 10.99 -9.57
CA LEU A 129 -1.60 11.25 -10.93
C LEU A 129 -0.25 10.58 -11.22
N ILE A 130 0.63 10.51 -10.21
CA ILE A 130 1.92 9.84 -10.37
C ILE A 130 1.71 8.37 -10.76
N ILE A 131 0.80 7.67 -10.06
CA ILE A 131 0.54 6.26 -10.37
C ILE A 131 0.10 6.12 -11.83
N GLN A 132 -0.80 6.99 -12.27
CA GLN A 132 -1.37 6.83 -13.61
C GLN A 132 -0.31 7.15 -14.66
N GLU A 133 0.61 8.07 -14.37
CA GLU A 133 1.65 8.42 -15.34
C GLU A 133 2.74 7.37 -15.42
N VAL A 134 3.07 6.74 -14.28
CA VAL A 134 3.98 5.59 -14.31
C VAL A 134 3.40 4.48 -15.19
N VAL A 135 2.11 4.16 -14.99
CA VAL A 135 1.49 3.11 -15.81
C VAL A 135 1.57 3.47 -17.29
N ARG A 136 1.25 4.73 -17.63
CA ARG A 136 1.30 5.13 -19.03
C ARG A 136 2.69 4.97 -19.65
N GLU A 137 3.72 5.43 -18.95
CA GLU A 137 5.07 5.38 -19.51
C GLU A 137 5.60 3.95 -19.58
N LEU A 138 5.17 3.08 -18.66
CA LEU A 138 5.57 1.67 -18.71
C LEU A 138 4.97 0.92 -19.89
N LEU A 139 3.81 1.35 -20.40
CA LEU A 139 3.21 0.66 -21.54
C LEU A 139 4.16 0.61 -22.74
N GLY A 140 5.02 1.64 -22.90
CA GLY A 140 6.01 1.62 -23.97
C GLY A 140 7.25 0.79 -23.69
N ARG A 141 7.46 0.38 -22.44
CA ARG A 141 8.61 -0.41 -22.03
C ARG A 141 8.27 -1.87 -21.77
N GLY A 142 7.14 -2.35 -22.27
CA GLY A 142 6.79 -3.76 -22.18
C GLY A 142 5.49 -4.05 -21.46
N LEU A 143 4.94 -3.10 -20.69
CA LEU A 143 3.72 -3.40 -19.95
C LEU A 143 2.54 -3.70 -20.89
N SER A 144 2.63 -3.27 -22.15
CA SER A 144 1.58 -3.55 -23.11
C SER A 144 1.37 -5.04 -23.34
N GLY A 145 2.42 -5.85 -23.13
CA GLY A 145 2.32 -7.28 -23.27
C GLY A 145 1.97 -8.06 -22.02
N ALA A 146 1.66 -7.39 -20.91
CA ALA A 146 1.47 -8.07 -19.63
C ALA A 146 0.19 -8.91 -19.60
N LYS A 147 0.23 -9.98 -18.81
CA LYS A 147 -0.97 -10.73 -18.43
C LYS A 147 -1.53 -10.30 -17.07
N VAL A 148 -0.67 -9.90 -16.12
CA VAL A 148 -1.12 -9.50 -14.78
C VAL A 148 -0.31 -8.29 -14.34
N LEU A 149 -1.00 -7.27 -13.81
CA LEU A 149 -0.35 -6.12 -13.18
C LEU A 149 -0.79 -6.18 -11.71
N LEU A 150 0.16 -6.44 -10.81
CA LEU A 150 -0.10 -6.46 -9.36
C LEU A 150 0.38 -5.14 -8.77
N LEU A 151 -0.56 -4.30 -8.30
CA LEU A 151 -0.24 -3.05 -7.61
C LEU A 151 -0.16 -3.35 -6.12
N ALA A 152 1.04 -3.26 -5.56
CA ALA A 152 1.32 -3.62 -4.18
C ALA A 152 1.80 -2.38 -3.45
N GLY A 153 1.81 -2.43 -2.12
CA GLY A 153 2.29 -1.29 -1.32
C GLY A 153 2.28 -1.62 0.16
N SER A 154 3.12 -0.88 0.90
CA SER A 154 3.22 -1.05 2.35
C SER A 154 2.93 0.25 3.09
N SER A 155 2.18 0.14 4.19
CA SER A 155 1.88 1.27 5.09
C SER A 155 1.04 2.30 4.35
N ALA A 156 1.45 3.59 4.26
CA ALA A 156 0.74 4.53 3.40
C ALA A 156 0.58 4.01 1.96
N GLY A 157 1.58 3.26 1.48
CA GLY A 157 1.46 2.63 0.17
C GLY A 157 0.40 1.54 0.11
N GLY A 158 0.16 0.83 1.23
CA GLY A 158 -0.91 -0.15 1.26
C GLY A 158 -2.28 0.48 1.20
N THR A 159 -2.49 1.56 1.97
CA THR A 159 -3.71 2.34 1.80
C THR A 159 -3.80 2.87 0.37
N GLY A 160 -2.67 3.30 -0.20
CA GLY A 160 -2.62 3.74 -1.59
C GLY A 160 -3.14 2.70 -2.58
N VAL A 161 -2.81 1.42 -2.37
CA VAL A 161 -3.35 0.37 -3.23
C VAL A 161 -4.87 0.39 -3.20
N LEU A 162 -5.47 0.42 -2.00
CA LEU A 162 -6.92 0.39 -1.88
C LEU A 162 -7.56 1.59 -2.58
N LEU A 163 -6.91 2.75 -2.51
CA LEU A 163 -7.46 3.95 -3.13
C LEU A 163 -7.31 3.97 -4.64
N ASN A 164 -6.34 3.23 -5.21
CA ASN A 164 -5.99 3.42 -6.62
C ASN A 164 -6.15 2.20 -7.53
N VAL A 165 -6.34 0.99 -6.99
CA VAL A 165 -6.29 -0.21 -7.84
C VAL A 165 -7.38 -0.19 -8.92
N ASP A 166 -8.61 0.23 -8.56
CA ASP A 166 -9.68 0.25 -9.57
C ASP A 166 -9.48 1.35 -10.62
N ARG A 167 -8.82 2.45 -10.26
CA ARG A 167 -8.56 3.50 -11.26
C ARG A 167 -7.51 3.05 -12.28
N VAL A 168 -6.55 2.24 -11.85
CA VAL A 168 -5.59 1.66 -12.79
C VAL A 168 -6.30 0.70 -13.74
N ALA A 169 -7.20 -0.12 -13.21
CA ALA A 169 -7.99 -1.02 -14.06
C ALA A 169 -8.80 -0.24 -15.09
N GLU A 170 -9.43 0.87 -14.66
CA GLU A 170 -10.20 1.70 -15.57
C GLU A 170 -9.31 2.35 -16.62
N GLN A 171 -8.12 2.84 -16.21
CA GLN A 171 -7.17 3.48 -17.12
C GLN A 171 -6.81 2.53 -18.26
N LEU A 172 -6.46 1.28 -17.91
CA LEU A 172 -6.01 0.35 -18.94
C LEU A 172 -7.16 -0.06 -19.84
N GLU A 173 -8.37 -0.21 -19.29
CA GLU A 173 -9.52 -0.52 -20.13
C GLU A 173 -9.76 0.60 -21.14
N LYS A 174 -9.72 1.84 -20.68
CA LYS A 174 -10.02 2.98 -21.55
C LYS A 174 -8.94 3.16 -22.61
N LEU A 175 -7.68 2.81 -22.30
CA LEU A 175 -6.60 2.91 -23.27
C LEU A 175 -6.60 1.77 -24.28
N GLY A 176 -7.42 0.75 -24.08
CA GLY A 176 -7.51 -0.34 -25.05
C GLY A 176 -6.75 -1.60 -24.71
N TYR A 177 -6.54 -1.88 -23.42
CA TYR A 177 -5.80 -3.05 -22.95
C TYR A 177 -6.69 -3.84 -22.00
N PRO A 178 -7.78 -4.44 -22.48
CA PRO A 178 -8.68 -5.18 -21.57
C PRO A 178 -8.17 -6.56 -21.18
N ALA A 179 -7.04 -7.01 -21.75
CA ALA A 179 -6.49 -8.31 -21.39
C ALA A 179 -5.60 -8.29 -20.16
N ILE A 180 -5.11 -7.12 -19.75
CA ILE A 180 -4.25 -7.03 -18.58
C ILE A 180 -5.13 -7.13 -17.33
N GLN A 181 -4.86 -8.14 -16.49
CA GLN A 181 -5.62 -8.34 -15.24
C GLN A 181 -4.97 -7.55 -14.11
N VAL A 182 -5.68 -6.54 -13.58
CA VAL A 182 -5.17 -5.67 -12.53
C VAL A 182 -5.64 -6.21 -11.18
N ARG A 183 -4.70 -6.37 -10.23
CA ARG A 183 -4.96 -6.86 -8.88
C ARG A 183 -4.20 -5.99 -7.87
N GLY A 184 -4.59 -6.08 -6.59
CA GLY A 184 -3.94 -5.31 -5.53
C GLY A 184 -3.42 -6.17 -4.40
N LEU A 185 -2.33 -5.72 -3.77
CA LEU A 185 -1.74 -6.35 -2.59
C LEU A 185 -1.48 -5.23 -1.58
N ALA A 186 -2.32 -5.15 -0.53
CA ALA A 186 -2.25 -4.06 0.45
C ALA A 186 -1.64 -4.58 1.75
N ASP A 187 -0.41 -4.15 2.05
CA ASP A 187 0.35 -4.58 3.23
C ASP A 187 0.36 -3.46 4.27
N SER A 188 -0.13 -3.76 5.46
CA SER A 188 -0.01 -2.83 6.60
C SER A 188 -0.69 -1.47 6.35
N GLY A 189 -1.78 -1.47 5.59
CA GLY A 189 -2.54 -0.26 5.33
C GLY A 189 -4.01 -0.33 5.74
N TRP A 190 -4.37 -1.29 6.61
CA TRP A 190 -5.75 -1.60 7.00
C TRP A 190 -5.93 -1.21 8.47
N PHE A 191 -6.45 -0.01 8.71
CA PHE A 191 -6.52 0.58 10.04
C PHE A 191 -7.96 0.70 10.51
N LEU A 192 -8.10 0.81 11.83
CA LEU A 192 -9.39 0.98 12.49
C LEU A 192 -9.49 2.38 13.06
N ASP A 193 -10.63 3.05 12.82
CA ASP A 193 -10.90 4.37 13.40
C ASP A 193 -11.52 4.20 14.80
N ASN A 194 -10.73 3.61 15.70
CA ASN A 194 -11.21 3.19 17.02
C ASN A 194 -10.99 4.27 18.09
N LYS A 195 -11.44 3.97 19.32
CA LYS A 195 -11.15 4.82 20.47
C LYS A 195 -9.71 4.60 20.89
N GLN A 196 -9.02 5.70 21.21
CA GLN A 196 -7.64 5.60 21.67
C GLN A 196 -7.59 5.09 23.12
N TYR A 197 -6.45 4.50 23.48
CA TYR A 197 -6.22 4.05 24.85
C TYR A 197 -6.11 5.23 25.80
N ARG A 198 -5.41 6.28 25.38
CA ARG A 198 -5.39 7.57 26.09
C ARG A 198 -5.56 8.67 25.06
N HIS A 199 -6.21 9.75 25.48
CA HIS A 199 -6.64 10.78 24.54
C HIS A 199 -5.68 11.95 24.51
N PRO A 210 -6.60 13.10 15.16
CA PRO A 210 -6.99 11.72 14.91
C PRO A 210 -7.53 11.59 13.47
N THR A 211 -8.83 11.33 13.33
CA THR A 211 -9.43 11.36 11.99
C THR A 211 -9.52 12.79 11.46
N GLU A 212 -9.32 13.78 12.31
CA GLU A 212 -9.39 15.16 11.86
C GLU A 212 -8.16 15.53 11.01
N ALA A 213 -7.04 14.83 11.21
CA ALA A 213 -5.86 15.05 10.37
C ALA A 213 -6.11 14.57 8.95
N ILE A 214 -6.79 13.41 8.79
CA ILE A 214 -7.14 12.95 7.44
C ILE A 214 -8.13 13.90 6.79
N ARG A 215 -9.15 14.33 7.53
CA ARG A 215 -10.12 15.26 6.98
C ARG A 215 -9.45 16.54 6.49
N ARG A 216 -8.53 17.09 7.29
CA ARG A 216 -7.80 18.29 6.86
C ARG A 216 -6.90 18.01 5.67
N GLY A 217 -6.23 16.85 5.68
CA GLY A 217 -5.34 16.49 4.57
C GLY A 217 -6.07 16.44 3.24
N ILE A 218 -7.22 15.76 3.20
CA ILE A 218 -7.94 15.61 1.94
C ILE A 218 -8.25 16.96 1.32
N ARG A 219 -8.66 17.93 2.15
CA ARG A 219 -8.94 19.27 1.62
C ARG A 219 -7.66 19.94 1.15
N TYR A 220 -6.55 19.76 1.88
CA TYR A 220 -5.27 20.40 1.53
C TYR A 220 -4.66 19.82 0.25
N TRP A 221 -4.92 18.54 -0.03
CA TRP A 221 -4.33 17.85 -1.17
C TRP A 221 -5.23 17.84 -2.40
N ASN A 222 -6.49 18.25 -2.27
CA ASN A 222 -7.51 17.90 -3.27
C ASN A 222 -7.54 16.39 -3.48
N GLY A 223 -7.63 15.66 -2.36
CA GLY A 223 -7.55 14.20 -2.41
C GLY A 223 -8.74 13.57 -3.09
N VAL A 224 -8.49 12.45 -3.78
CA VAL A 224 -9.52 11.71 -4.52
C VAL A 224 -9.63 10.29 -3.96
N VAL A 225 -10.85 9.77 -3.92
CA VAL A 225 -11.14 8.42 -3.41
C VAL A 225 -11.89 7.66 -4.49
N PRO A 226 -12.03 6.33 -4.38
CA PRO A 226 -12.75 5.58 -5.42
C PRO A 226 -14.22 5.99 -5.53
N GLU A 227 -14.71 5.98 -6.78
CA GLU A 227 -16.07 6.41 -7.13
C GLU A 227 -17.15 5.81 -6.24
N ARG A 228 -17.20 4.48 -6.16
CA ARG A 228 -18.33 3.86 -5.47
C ARG A 228 -18.32 4.24 -4.00
N CYS A 229 -17.12 4.28 -3.39
CA CYS A 229 -17.03 4.66 -1.99
C CYS A 229 -17.43 6.13 -1.79
N ARG A 230 -17.00 7.01 -2.71
CA ARG A 230 -17.40 8.40 -2.57
C ARG A 230 -18.90 8.57 -2.69
N ARG A 231 -19.55 7.78 -3.56
CA ARG A 231 -21.00 7.90 -3.69
C ARG A 231 -21.73 7.42 -2.44
N GLN A 232 -21.15 6.45 -1.72
CA GLN A 232 -21.77 5.97 -0.49
C GLN A 232 -21.72 7.02 0.63
N PHE A 233 -20.55 7.61 0.86
CA PHE A 233 -20.36 8.49 2.01
C PHE A 233 -20.66 9.95 1.70
N GLN A 234 -20.51 10.36 0.44
CA GLN A 234 -20.92 11.67 -0.06
C GLN A 234 -20.05 12.83 0.41
N GLU A 235 -20.41 14.05 0.00
CA GLU A 235 -19.55 15.20 0.18
C GLU A 235 -19.27 15.45 1.66
N GLY A 236 -18.02 15.80 1.96
CA GLY A 236 -17.60 16.04 3.32
C GLY A 236 -17.19 14.79 4.09
N GLU A 237 -17.52 13.60 3.59
CA GLU A 237 -17.27 12.36 4.34
C GLU A 237 -16.31 11.42 3.63
N GLU A 238 -15.51 11.93 2.68
CA GLU A 238 -14.61 11.07 1.92
C GLU A 238 -13.48 10.47 2.76
N TRP A 239 -13.18 11.08 3.93
CA TRP A 239 -12.18 10.50 4.84
C TRP A 239 -12.48 9.05 5.18
N ASN A 240 -13.77 8.67 5.20
CA ASN A 240 -14.14 7.28 5.50
C ASN A 240 -13.44 6.30 4.57
N CYS A 241 -13.25 6.68 3.30
CA CYS A 241 -12.68 5.78 2.30
C CYS A 241 -11.19 5.50 2.51
N PHE A 242 -10.52 6.16 3.46
CA PHE A 242 -9.14 5.83 3.80
C PHE A 242 -9.04 4.66 4.78
N PHE A 243 -10.17 4.09 5.23
CA PHE A 243 -10.16 3.01 6.19
C PHE A 243 -10.55 1.72 5.46
N GLY A 244 -9.62 0.76 5.46
CA GLY A 244 -9.78 -0.46 4.66
C GLY A 244 -11.14 -1.11 4.76
N TYR A 245 -11.66 -1.30 5.98
CA TYR A 245 -12.90 -2.04 6.15
C TYR A 245 -14.10 -1.32 5.55
N LYS A 246 -13.98 -0.02 5.27
CA LYS A 246 -15.05 0.75 4.64
C LYS A 246 -14.89 0.86 3.13
N VAL A 247 -13.66 0.90 2.60
CA VAL A 247 -13.45 1.05 1.16
C VAL A 247 -13.39 -0.31 0.44
N TYR A 248 -12.83 -1.34 1.07
CA TYR A 248 -12.69 -2.65 0.46
C TYR A 248 -13.98 -3.22 -0.13
N PRO A 249 -15.14 -3.19 0.57
CA PRO A 249 -16.37 -3.75 -0.03
C PRO A 249 -16.81 -3.08 -1.33
N THR A 250 -16.31 -1.88 -1.64
CA THR A 250 -16.72 -1.13 -2.82
C THR A 250 -15.84 -1.41 -4.04
N LEU A 251 -14.75 -2.18 -3.86
CA LEU A 251 -13.76 -2.39 -4.91
C LEU A 251 -14.14 -3.57 -5.79
N ARG A 252 -13.84 -3.44 -7.09
CA ARG A 252 -14.09 -4.52 -8.05
C ARG A 252 -12.87 -5.38 -8.34
N SER A 253 -11.66 -4.83 -8.29
CA SER A 253 -10.47 -5.63 -8.58
C SER A 253 -10.19 -6.59 -7.42
N PRO A 254 -9.63 -7.77 -7.70
CA PRO A 254 -9.19 -8.66 -6.60
C PRO A 254 -8.08 -7.99 -5.78
N VAL A 255 -8.22 -8.02 -4.45
CA VAL A 255 -7.26 -7.41 -3.52
C VAL A 255 -6.93 -8.39 -2.39
N PHE A 256 -5.63 -8.69 -2.21
CA PHE A 256 -5.15 -9.51 -1.10
C PHE A 256 -4.70 -8.58 0.04
N VAL A 257 -5.19 -8.82 1.26
CA VAL A 257 -4.91 -7.93 2.39
C VAL A 257 -3.94 -8.60 3.37
N VAL A 258 -2.80 -7.96 3.62
CA VAL A 258 -1.83 -8.40 4.65
C VAL A 258 -1.89 -7.39 5.81
N GLN A 259 -2.17 -7.88 7.03
CA GLN A 259 -2.23 -6.95 8.18
C GLN A 259 -1.87 -7.68 9.47
N TRP A 260 -0.83 -7.20 10.17
CA TRP A 260 -0.56 -7.72 11.50
C TRP A 260 -1.74 -7.36 12.42
N LEU A 261 -2.12 -8.29 13.30
CA LEU A 261 -3.28 -8.04 14.16
C LEU A 261 -2.98 -6.94 15.18
N PHE A 262 -1.73 -6.78 15.58
CA PHE A 262 -1.32 -5.76 16.55
C PHE A 262 -0.31 -4.84 15.86
N ASP A 263 -0.77 -4.11 14.85
CA ASP A 263 0.11 -3.29 14.05
C ASP A 263 0.69 -2.13 14.87
N GLU A 264 2.01 -1.91 14.74
CA GLU A 264 2.69 -0.89 15.55
C GLU A 264 2.24 0.54 15.23
N ALA A 265 1.92 0.84 13.96
CA ALA A 265 1.44 2.17 13.64
C ALA A 265 0.04 2.42 14.22
N GLN A 266 -0.83 1.40 14.16
CA GLN A 266 -2.14 1.48 14.80
C GLN A 266 -2.00 1.73 16.30
N LEU A 267 -1.11 1.00 16.96
CA LEU A 267 -0.98 1.20 18.40
C LEU A 267 -0.35 2.56 18.74
N THR A 268 0.54 3.07 17.89
CA THR A 268 1.12 4.40 18.13
C THR A 268 0.04 5.48 18.10
N VAL A 269 -0.79 5.48 17.06
CA VAL A 269 -1.88 6.44 16.98
C VAL A 269 -2.86 6.26 18.14
N ASP A 270 -3.05 5.01 18.60
CA ASP A 270 -3.90 4.73 19.76
C ASP A 270 -3.26 5.11 21.09
N ASN A 271 -2.02 5.61 21.09
CA ASN A 271 -1.30 6.04 22.30
C ASN A 271 -0.99 4.88 23.24
N VAL A 272 -0.61 3.74 22.67
CA VAL A 272 -0.18 2.56 23.43
C VAL A 272 1.33 2.44 23.27
N HIS A 273 2.04 2.38 24.39
CA HIS A 273 3.49 2.21 24.38
C HIS A 273 3.93 1.00 25.22
N VAL A 279 1.83 -5.27 32.19
CA VAL A 279 0.57 -4.82 31.56
C VAL A 279 -0.60 -5.06 32.50
N GLN A 280 -1.26 -3.96 32.91
CA GLN A 280 -2.40 -4.07 33.81
C GLN A 280 -3.67 -4.43 33.03
N GLU A 281 -4.76 -4.64 33.78
CA GLU A 281 -5.98 -5.18 33.19
C GLU A 281 -6.55 -4.26 32.10
N GLY A 282 -6.56 -2.95 32.36
CA GLY A 282 -7.13 -2.03 31.38
C GLY A 282 -6.45 -2.12 30.03
N LEU A 283 -5.11 -2.16 30.03
CA LEU A 283 -4.39 -2.25 28.77
C LEU A 283 -4.50 -3.64 28.15
N ARG A 284 -4.50 -4.69 28.99
CA ARG A 284 -4.70 -6.04 28.48
C ARG A 284 -6.00 -6.15 27.70
N LEU A 285 -7.10 -5.66 28.29
CA LEU A 285 -8.39 -5.73 27.62
C LEU A 285 -8.40 -4.87 26.36
N TYR A 286 -7.70 -3.72 26.38
CA TYR A 286 -7.64 -2.87 25.19
C TYR A 286 -6.94 -3.60 24.04
N ILE A 287 -5.80 -4.23 24.33
CA ILE A 287 -5.03 -4.92 23.29
C ILE A 287 -5.81 -6.12 22.76
N GLN A 288 -6.44 -6.89 23.65
CA GLN A 288 -7.20 -8.05 23.19
C GLN A 288 -8.39 -7.62 22.34
N ASN A 289 -9.05 -6.52 22.71
CA ASN A 289 -10.19 -6.03 21.93
C ASN A 289 -9.75 -5.54 20.56
N LEU A 290 -8.56 -4.93 20.46
CA LEU A 290 -8.07 -4.47 19.15
C LEU A 290 -7.85 -5.65 18.20
N GLY A 291 -7.26 -6.74 18.70
CA GLY A 291 -7.05 -7.91 17.86
C GLY A 291 -8.36 -8.55 17.42
N ARG A 292 -9.33 -8.62 18.33
CA ARG A 292 -10.64 -9.18 18.02
C ARG A 292 -11.35 -8.34 16.96
N GLU A 293 -11.30 -7.02 17.09
CA GLU A 293 -11.94 -6.14 16.11
C GLU A 293 -11.29 -6.27 14.74
N LEU A 294 -9.96 -6.33 14.70
N LEU A 294 -9.96 -6.33 14.70
CA LEU A 294 -9.27 -6.48 13.41
CA LEU A 294 -9.30 -6.47 13.40
C LEU A 294 -9.65 -7.81 12.76
C LEU A 294 -9.66 -7.81 12.75
N ARG A 295 -9.64 -8.88 13.54
CA ARG A 295 -10.04 -10.19 13.03
C ARG A 295 -11.48 -10.16 12.49
N HIS A 296 -12.38 -9.46 13.18
CA HIS A 296 -13.76 -9.35 12.70
C HIS A 296 -13.84 -8.65 11.34
N THR A 297 -13.08 -7.56 11.15
CA THR A 297 -13.13 -6.84 9.87
C THR A 297 -12.63 -7.69 8.72
N LEU A 298 -11.86 -8.74 8.99
CA LEU A 298 -11.31 -9.56 7.92
C LEU A 298 -12.10 -10.85 7.65
N LYS A 299 -13.16 -11.11 8.43
CA LYS A 299 -13.87 -12.38 8.32
C LYS A 299 -14.39 -12.62 6.91
N ASP A 300 -14.79 -11.56 6.21
CA ASP A 300 -15.35 -11.67 4.88
C ASP A 300 -14.39 -11.17 3.79
N VAL A 301 -13.09 -11.21 4.08
CA VAL A 301 -12.07 -10.89 3.09
C VAL A 301 -11.43 -12.21 2.67
N PRO A 302 -11.75 -12.76 1.50
CA PRO A 302 -11.34 -14.15 1.21
C PRO A 302 -9.86 -14.33 0.93
N ALA A 303 -9.13 -13.27 0.54
CA ALA A 303 -7.68 -13.36 0.35
C ALA A 303 -7.00 -12.45 1.39
N SER A 304 -6.47 -13.04 2.45
CA SER A 304 -5.92 -12.25 3.54
C SER A 304 -4.91 -13.06 4.36
N PHE A 305 -4.01 -12.34 5.04
CA PHE A 305 -2.94 -12.95 5.83
C PHE A 305 -2.72 -12.04 7.04
N ALA A 306 -3.11 -12.50 8.23
CA ALA A 306 -3.15 -11.64 9.41
C ALA A 306 -2.62 -12.34 10.67
N PRO A 307 -1.30 -12.31 10.89
CA PRO A 307 -0.72 -13.01 12.04
C PRO A 307 -0.82 -12.21 13.34
N ALA A 308 -0.83 -12.96 14.46
CA ALA A 308 -0.98 -12.35 15.78
C ALA A 308 0.39 -11.93 16.32
N CYS A 309 0.90 -10.83 15.76
CA CYS A 309 2.23 -10.29 16.04
C CYS A 309 2.19 -8.78 16.16
N LEU A 310 3.09 -8.25 16.98
CA LEU A 310 3.36 -6.82 17.06
C LEU A 310 4.47 -6.51 16.05
N SER A 311 4.13 -5.85 14.95
CA SER A 311 5.09 -5.51 13.90
C SER A 311 4.45 -4.46 12.96
N HIS A 312 5.19 -4.09 11.91
CA HIS A 312 4.66 -3.15 10.92
C HIS A 312 5.42 -3.37 9.62
N GLU A 313 4.68 -3.57 8.52
CA GLU A 313 5.17 -3.89 7.18
C GLU A 313 5.74 -5.30 7.08
N ILE A 314 5.75 -5.86 5.87
CA ILE A 314 6.39 -7.17 5.65
C ILE A 314 6.89 -7.44 4.23
N ILE A 315 6.18 -6.99 3.20
CA ILE A 315 6.39 -7.59 1.87
C ILE A 315 7.74 -7.27 1.23
N ILE A 316 8.37 -6.13 1.53
CA ILE A 316 9.72 -5.90 0.99
C ILE A 316 10.84 -6.19 1.98
N ARG A 317 10.54 -6.83 3.12
CA ARG A 317 11.60 -7.27 4.03
C ARG A 317 12.22 -8.58 3.54
N SER A 318 13.55 -8.71 3.71
CA SER A 318 14.25 -9.86 3.16
C SER A 318 13.79 -11.17 3.78
N HIS A 319 13.39 -11.15 5.06
CA HIS A 319 12.94 -12.36 5.75
C HIS A 319 11.42 -12.51 5.77
N TRP A 320 10.73 -12.03 4.73
CA TRP A 320 9.27 -12.05 4.71
C TRP A 320 8.78 -13.48 4.53
N THR A 321 9.70 -14.42 4.20
CA THR A 321 9.38 -15.82 3.99
C THR A 321 9.21 -16.61 5.29
N ASP A 322 9.53 -15.98 6.43
CA ASP A 322 9.65 -16.71 7.69
C ASP A 322 8.33 -16.89 8.44
N VAL A 323 7.44 -15.92 8.36
N VAL A 323 7.41 -15.93 8.32
CA VAL A 323 6.23 -15.98 9.17
CA VAL A 323 6.19 -15.92 9.14
C VAL A 323 5.25 -16.97 8.54
C VAL A 323 5.16 -16.86 8.52
N GLN A 324 4.44 -17.59 9.38
CA GLN A 324 3.42 -18.53 8.95
C GLN A 324 2.16 -18.35 9.78
N VAL A 325 1.02 -18.60 9.15
CA VAL A 325 -0.27 -18.70 9.83
C VAL A 325 -0.85 -20.08 9.52
N LYS A 326 -1.14 -20.85 10.57
CA LYS A 326 -1.70 -22.20 10.39
C LYS A 326 -0.79 -23.08 9.52
N GLY A 327 0.52 -22.85 9.57
CA GLY A 327 1.49 -23.62 8.80
C GLY A 327 1.76 -23.15 7.39
N THR A 328 1.17 -22.04 6.94
CA THR A 328 1.30 -21.56 5.57
C THR A 328 2.00 -20.20 5.56
N SER A 329 3.05 -20.08 4.74
CA SER A 329 3.81 -18.83 4.66
C SER A 329 3.09 -17.81 3.77
N LEU A 330 3.52 -16.54 3.85
CA LEU A 330 2.94 -15.53 2.99
C LEU A 330 3.23 -15.77 1.51
N PRO A 331 4.45 -16.06 1.08
CA PRO A 331 4.66 -16.40 -0.33
C PRO A 331 3.78 -17.56 -0.81
N ARG A 332 3.57 -18.58 0.02
CA ARG A 332 2.67 -19.67 -0.37
C ARG A 332 1.23 -19.18 -0.55
N ALA A 333 0.74 -18.39 0.41
CA ALA A 333 -0.63 -17.88 0.34
C ALA A 333 -0.85 -17.05 -0.94
N LEU A 334 0.14 -16.24 -1.32
CA LEU A 334 0.03 -15.46 -2.55
C LEU A 334 0.01 -16.35 -3.78
N HIS A 335 0.84 -17.41 -3.80
CA HIS A 335 0.79 -18.39 -4.87
C HIS A 335 -0.57 -19.08 -4.95
N CYS A 336 -1.14 -19.45 -3.80
CA CYS A 336 -2.48 -20.04 -3.79
C CYS A 336 -3.52 -19.07 -4.33
N TRP A 337 -3.40 -17.78 -3.98
CA TRP A 337 -4.25 -16.75 -4.56
C TRP A 337 -4.15 -16.73 -6.08
N ASP A 338 -2.93 -16.77 -6.63
CA ASP A 338 -2.79 -16.82 -8.09
C ASP A 338 -3.56 -18.01 -8.68
N ARG A 339 -3.45 -19.18 -8.03
CA ARG A 339 -4.15 -20.36 -8.54
C ARG A 339 -5.66 -20.17 -8.49
N SER A 340 -6.17 -19.58 -7.41
CA SER A 340 -7.60 -19.34 -7.28
C SER A 340 -8.15 -18.42 -8.35
N LEU A 341 -7.32 -17.55 -8.94
CA LEU A 341 -7.75 -16.61 -9.96
C LEU A 341 -7.62 -17.17 -11.37
N HIS A 342 -7.22 -18.42 -11.53
CA HIS A 342 -7.43 -19.11 -12.81
C HIS A 342 -8.93 -19.23 -13.04
N PRO A 351 -12.56 -24.06 -3.36
CA PRO A 351 -11.34 -24.02 -2.53
C PRO A 351 -10.33 -25.05 -2.99
N LEU A 352 -9.05 -24.77 -2.78
CA LEU A 352 -7.96 -25.61 -3.25
C LEU A 352 -7.41 -26.45 -2.09
N LYS A 353 -7.36 -27.77 -2.32
CA LYS A 353 -6.85 -28.72 -1.33
C LYS A 353 -5.41 -28.38 -0.95
N GLY A 354 -5.21 -28.09 0.35
CA GLY A 354 -3.87 -27.83 0.84
C GLY A 354 -3.25 -26.52 0.43
N CYS A 355 -4.00 -25.58 -0.14
CA CYS A 355 -3.38 -24.35 -0.62
C CYS A 355 -4.35 -23.21 -0.29
N PRO A 356 -4.35 -22.78 0.97
CA PRO A 356 -5.34 -21.80 1.44
C PRO A 356 -4.97 -20.35 1.08
N VAL A 357 -6.00 -19.50 1.05
CA VAL A 357 -5.84 -18.08 0.75
C VAL A 357 -6.36 -17.15 1.85
N HIS A 358 -7.20 -17.64 2.77
CA HIS A 358 -7.70 -16.85 3.89
C HIS A 358 -7.07 -17.38 5.17
N LEU A 359 -6.13 -16.61 5.75
CA LEU A 359 -5.30 -17.07 6.87
C LEU A 359 -5.25 -15.99 7.95
N VAL A 360 -6.08 -16.13 8.97
CA VAL A 360 -6.18 -15.15 10.05
C VAL A 360 -6.00 -15.87 11.38
N ASP A 361 -5.05 -15.41 12.20
CA ASP A 361 -4.81 -16.03 13.50
C ASP A 361 -5.99 -15.83 14.45
N SER A 362 -6.25 -16.84 15.28
CA SER A 362 -7.30 -16.76 16.28
C SER A 362 -6.78 -16.53 17.70
N CYS A 363 -5.48 -16.73 17.94
CA CYS A 363 -5.00 -16.55 19.30
C CYS A 363 -4.89 -15.06 19.65
N PRO A 364 -5.12 -14.68 20.91
CA PRO A 364 -5.51 -13.30 21.21
C PRO A 364 -4.42 -12.36 21.75
N TRP A 365 -3.14 -12.73 21.71
CA TRP A 365 -2.08 -11.86 22.29
C TRP A 365 -0.85 -11.81 21.38
N PRO A 366 -0.16 -10.67 21.29
CA PRO A 366 1.00 -10.59 20.39
C PRO A 366 2.01 -11.68 20.70
N HIS A 367 2.38 -12.41 19.66
CA HIS A 367 3.45 -13.38 19.60
C HIS A 367 2.96 -14.70 20.20
N CYS A 368 1.64 -14.88 20.30
CA CYS A 368 1.04 -16.22 20.48
C CYS A 368 1.27 -17.11 19.26
N ASN A 369 1.63 -16.52 18.13
CA ASN A 369 2.13 -17.25 16.96
C ASN A 369 3.64 -17.40 17.09
N PRO A 370 4.18 -18.63 17.14
CA PRO A 370 5.63 -18.78 17.38
C PRO A 370 6.50 -18.25 16.25
N SER A 371 5.95 -18.02 15.05
CA SER A 371 6.76 -17.59 13.92
C SER A 371 6.85 -16.07 13.78
N CYS A 372 6.31 -15.31 14.73
CA CYS A 372 6.35 -13.86 14.65
C CYS A 372 7.80 -13.38 14.55
N PRO A 373 8.03 -12.22 13.96
CA PRO A 373 9.40 -11.68 13.91
C PRO A 373 9.89 -11.30 15.29
N THR A 374 11.12 -11.66 15.60
CA THR A 374 11.70 -11.29 16.88
C THR A 374 12.11 -9.83 16.85
S SO4 B . 16.60 13.49 3.76
O1 SO4 B . 15.55 12.61 3.24
O2 SO4 B . 17.31 14.07 2.60
O3 SO4 B . 16.03 14.58 4.55
O4 SO4 B . 17.54 12.73 4.58
C1 NAG C . 1.21 15.67 -18.18
C2 NAG C . 0.27 15.63 -19.37
C3 NAG C . -0.83 16.68 -19.20
C4 NAG C . -1.54 16.52 -17.86
C5 NAG C . -0.52 16.50 -16.72
C6 NAG C . -1.13 16.18 -15.38
C7 NAG C . 0.97 14.94 -21.62
C8 NAG C . 1.76 15.31 -22.83
N2 NAG C . 0.98 15.83 -20.62
O3 NAG C . -1.77 16.53 -20.26
O4 NAG C . -2.44 17.60 -17.67
O5 NAG C . 0.47 15.49 -16.98
O6 NAG C . -1.64 14.86 -15.34
O7 NAG C . 0.36 13.88 -21.54
S SO4 D . -10.50 -18.87 11.53
O1 SO4 D . -9.42 -19.43 12.34
O2 SO4 D . -10.84 -19.81 10.46
O3 SO4 D . -11.66 -18.63 12.37
O4 SO4 D . -10.05 -17.61 10.93
S SO4 E . 0.20 26.74 1.57
O1 SO4 E . 0.95 25.48 1.59
O2 SO4 E . -0.11 27.12 0.20
O3 SO4 E . -1.00 26.54 2.38
O4 SO4 E . 0.98 27.82 2.19
S SO4 F . -3.89 -7.11 36.73
O1 SO4 F . -2.86 -7.33 35.70
O2 SO4 F . -5.03 -7.97 36.46
O3 SO4 F . -3.35 -7.41 38.05
O4 SO4 F . -4.32 -5.71 36.70
C1 EDO G . 15.80 -1.62 -18.63
O1 EDO G . 14.62 -0.95 -19.12
C2 EDO G . 15.40 -2.58 -17.51
O2 EDO G . 16.57 -3.25 -17.05
N1 GQM H . -8.85 6.50 15.77
C4 GQM H . -5.63 4.82 13.73
C5 GQM H . -6.34 5.95 13.35
C6 GQM H . -5.92 6.67 12.24
C7 GQM H . -4.80 6.27 11.53
C8 GQM H . -7.44 6.35 14.10
C10 GQM H . -9.32 7.31 14.84
C1 GQM H . -1.97 4.14 11.86
C2 GQM H . -4.10 5.14 11.90
C3 GQM H . -4.52 4.41 13.01
C9 GQM H . -8.45 7.23 13.76
N2 GQM H . -7.70 5.92 15.33
O1 GQM H . -2.99 4.76 11.13
O2 GQM H . -6.57 7.82 11.80
#